data_3V7I
#
_entry.id   3V7I
#
_cell.length_a   182.703
_cell.length_b   182.703
_cell.length_c   182.703
_cell.angle_alpha   90.000
_cell.angle_beta   90.000
_cell.angle_gamma   90.000
#
_symmetry.space_group_name_H-M   'P 41 3 2'
#
loop_
_entity.id
_entity.type
_entity.pdbx_description
1 polymer 'Putative polyketide synthase'
2 water water
#
_entity_poly.entity_id   1
_entity_poly.type   'polypeptide(L)'
_entity_poly.pdbx_seq_one_letter_code
;MHHHHHHSSGVDLGTENLYFQSNAMAAYLCAPAVIHGEHSVETREIVEEVRGRHPHAPWAPRIDGIAASTGIESRGWMLP
LEAAVAPGGGGDLGAAREALVRDGFTEQDANRAIAALKAVPASQTVQERTAPAWEAVQAYGERAARGALQIAGLDVADVD
CLITSNSTTPALPGLDVALANRLPLRGDTMLLPATQWACVAGTRSLALAADLVAADPDRVVLVVISEALSTTYQPADDTL
ESLIVRLLFADTAVAAVVTGRPRPESVLRLDAAWHHTLPGTRDLHRLETRADGTHFVMDRRGPRAVQETVTAMWEWLRVR
YEDDPSSWHPDVLLAHPGGTRVLEYMEQTMPDEWPSGLLSYSRDSYTSGNRGGAAVFDILRRAHDAGQKTGSRAVLYAAA
PGLTATALEGEWL
;
_entity_poly.pdbx_strand_id   A
#
# COMPACT_ATOMS: atom_id res chain seq x y z
N ALA A 24 25.45 -13.11 6.85
CA ALA A 24 24.38 -14.03 6.48
C ALA A 24 23.47 -13.40 5.42
N MET A 25 23.12 -12.14 5.64
CA MET A 25 22.24 -11.43 4.71
C MET A 25 22.88 -10.14 4.19
N ALA A 26 23.13 -10.10 2.88
CA ALA A 26 23.73 -8.94 2.24
C ALA A 26 23.01 -8.63 0.94
N ALA A 27 22.28 -7.51 0.94
CA ALA A 27 21.49 -7.11 -0.22
C ALA A 27 21.50 -5.60 -0.35
N TYR A 28 21.67 -5.10 -1.58
CA TYR A 28 21.83 -3.68 -1.80
C TYR A 28 20.64 -3.07 -2.53
N LEU A 29 20.23 -1.88 -2.12
CA LEU A 29 18.99 -1.30 -2.61
C LEU A 29 19.17 0.10 -3.19
N CYS A 30 18.88 0.24 -4.48
CA CYS A 30 18.92 1.54 -5.14
C CYS A 30 17.69 2.33 -4.73
N ALA A 31 17.73 3.65 -4.88
CA ALA A 31 16.60 4.48 -4.45
C ALA A 31 15.31 4.09 -5.16
N PRO A 32 14.19 4.13 -4.43
CA PRO A 32 12.90 3.82 -5.05
C PRO A 32 12.37 4.93 -5.94
N ALA A 33 11.56 4.54 -6.93
CA ALA A 33 10.85 5.47 -7.78
C ALA A 33 9.40 5.51 -7.34
N VAL A 34 8.89 6.71 -7.04
CA VAL A 34 7.52 6.85 -6.57
C VAL A 34 6.67 7.60 -7.58
N ILE A 35 5.47 7.09 -7.83
CA ILE A 35 4.56 7.69 -8.80
C ILE A 35 3.14 7.70 -8.26
N HIS A 36 2.73 8.87 -7.77
CA HIS A 36 1.44 9.01 -7.10
C HIS A 36 0.28 9.03 -8.08
N GLY A 37 -0.94 8.96 -7.55
CA GLY A 37 -2.13 9.07 -8.36
C GLY A 37 -2.28 10.47 -8.93
N GLU A 38 -2.53 10.56 -10.24
CA GLU A 38 -2.64 11.85 -10.92
C GLU A 38 -3.94 12.58 -10.56
N HIS A 39 -4.98 11.82 -10.24
CA HIS A 39 -6.27 12.39 -9.88
C HIS A 39 -6.30 12.79 -8.40
N SER A 40 -6.02 14.07 -8.15
CA SER A 40 -6.04 14.61 -6.79
C SER A 40 -7.46 14.80 -6.28
N VAL A 41 -7.78 14.09 -5.20
CA VAL A 41 -9.09 14.17 -4.60
C VAL A 41 -9.02 14.89 -3.26
N GLU A 42 -9.59 16.10 -3.22
CA GLU A 42 -9.59 16.92 -2.01
C GLU A 42 -10.41 16.22 -0.94
N THR A 43 -9.96 16.29 0.31
CA THR A 43 -10.69 15.67 1.41
C THR A 43 -12.06 16.32 1.57
N ARG A 44 -12.17 17.58 1.14
CA ARG A 44 -13.42 18.30 1.20
C ARG A 44 -14.39 17.73 0.18
N GLU A 45 -13.86 17.21 -0.92
CA GLU A 45 -14.67 16.62 -1.97
C GLU A 45 -15.26 15.29 -1.52
N ILE A 46 -14.53 14.57 -0.67
CA ILE A 46 -15.01 13.31 -0.15
C ILE A 46 -16.04 13.55 0.96
N VAL A 47 -15.70 14.42 1.91
CA VAL A 47 -16.63 14.84 2.94
C VAL A 47 -17.94 15.32 2.31
N GLU A 48 -17.82 16.20 1.34
CA GLU A 48 -18.96 16.76 0.62
C GLU A 48 -19.74 15.68 -0.13
N GLU A 49 -19.03 14.74 -0.73
CA GLU A 49 -19.66 13.68 -1.51
C GLU A 49 -20.46 12.73 -0.63
N VAL A 50 -19.86 12.27 0.46
CA VAL A 50 -20.50 11.29 1.33
C VAL A 50 -21.70 11.89 2.06
N ARG A 51 -21.62 13.19 2.36
CA ARG A 51 -22.75 13.90 2.93
C ARG A 51 -23.91 13.87 1.95
N GLY A 52 -23.58 13.99 0.67
CA GLY A 52 -24.57 13.93 -0.39
C GLY A 52 -25.14 12.53 -0.56
N ARG A 53 -24.29 11.53 -0.39
CA ARG A 53 -24.73 10.14 -0.52
C ARG A 53 -25.73 9.76 0.56
N HIS A 54 -25.38 10.02 1.81
CA HIS A 54 -26.25 9.68 2.93
C HIS A 54 -26.66 10.93 3.71
N PRO A 55 -27.83 11.49 3.38
CA PRO A 55 -28.38 12.68 4.03
C PRO A 55 -28.71 12.41 5.50
N HIS A 56 -29.53 11.40 5.75
CA HIS A 56 -29.92 11.07 7.12
C HIS A 56 -29.02 10.01 7.70
N ALA A 57 -28.17 10.40 8.65
CA ALA A 57 -27.20 9.48 9.23
C ALA A 57 -26.74 9.94 10.61
N PRO A 58 -26.35 8.98 11.47
CA PRO A 58 -25.88 9.29 12.82
C PRO A 58 -24.47 9.86 12.84
N TRP A 59 -23.66 9.48 11.85
CA TRP A 59 -22.29 9.97 11.76
C TRP A 59 -22.22 11.42 11.27
N ALA A 60 -23.34 11.94 10.79
CA ALA A 60 -23.38 13.27 10.18
C ALA A 60 -22.62 14.38 10.94
N PRO A 61 -22.82 14.48 12.26
CA PRO A 61 -22.14 15.53 13.02
C PRO A 61 -20.65 15.27 13.14
N ARG A 62 -20.27 13.99 13.06
CA ARG A 62 -18.89 13.58 13.25
C ARG A 62 -17.97 13.95 12.09
N ILE A 63 -18.54 14.48 11.01
CA ILE A 63 -17.78 14.60 9.78
C ILE A 63 -16.62 15.59 9.83
N ASP A 64 -16.90 16.84 10.14
CA ASP A 64 -15.84 17.83 10.25
C ASP A 64 -14.83 17.42 11.33
N GLY A 65 -15.34 16.70 12.32
CA GLY A 65 -14.50 16.24 13.41
C GLY A 65 -13.60 15.08 12.99
N ILE A 66 -14.21 14.05 12.41
CA ILE A 66 -13.48 12.88 11.98
C ILE A 66 -12.49 13.19 10.87
N ALA A 67 -12.94 13.94 9.86
CA ALA A 67 -12.11 14.27 8.71
C ALA A 67 -10.91 15.12 9.12
N ALA A 68 -11.08 15.93 10.16
CA ALA A 68 -10.02 16.83 10.58
C ALA A 68 -8.89 16.10 11.30
N SER A 69 -9.19 14.92 11.84
CA SER A 69 -8.20 14.15 12.59
C SER A 69 -7.22 13.43 11.66
N THR A 70 -7.63 13.21 10.42
CA THR A 70 -6.78 12.51 9.46
C THR A 70 -5.52 13.32 9.12
N GLY A 71 -5.66 14.64 9.13
CA GLY A 71 -4.54 15.52 8.80
C GLY A 71 -4.21 15.49 7.32
N ILE A 72 -5.21 15.14 6.51
CA ILE A 72 -5.03 15.00 5.07
C ILE A 72 -5.87 16.02 4.30
N GLU A 73 -5.20 16.92 3.59
CA GLU A 73 -5.88 17.91 2.75
C GLU A 73 -6.39 17.27 1.47
N SER A 74 -5.53 16.48 0.83
CA SER A 74 -5.89 15.80 -0.40
C SER A 74 -4.95 14.64 -0.70
N ARG A 75 -5.40 13.74 -1.58
CA ARG A 75 -4.62 12.57 -1.94
C ARG A 75 -4.61 12.36 -3.45
N GLY A 76 -3.68 11.54 -3.93
CA GLY A 76 -3.64 11.17 -5.34
C GLY A 76 -4.35 9.85 -5.58
N TRP A 77 -5.07 9.77 -6.70
CA TRP A 77 -5.75 8.55 -7.09
C TRP A 77 -5.40 8.20 -8.53
N MET A 78 -5.52 6.92 -8.87
CA MET A 78 -5.29 6.48 -10.25
C MET A 78 -6.56 6.70 -11.07
N LEU A 79 -7.67 6.98 -10.38
CA LEU A 79 -8.94 7.27 -11.02
C LEU A 79 -9.61 8.45 -10.33
N PRO A 80 -10.52 9.14 -11.04
CA PRO A 80 -11.22 10.27 -10.42
C PRO A 80 -12.31 9.79 -9.46
N LEU A 81 -12.60 10.56 -8.42
CA LEU A 81 -13.62 10.19 -7.45
C LEU A 81 -14.89 9.70 -8.13
N GLU A 82 -15.18 10.27 -9.29
CA GLU A 82 -16.36 9.91 -10.06
C GLU A 82 -16.37 8.43 -10.46
N ALA A 83 -15.20 7.89 -10.75
CA ALA A 83 -15.07 6.50 -11.17
C ALA A 83 -15.53 5.52 -10.10
N ALA A 84 -15.53 5.97 -8.86
CA ALA A 84 -15.95 5.13 -7.73
C ALA A 84 -17.42 5.35 -7.38
N VAL A 85 -17.80 6.61 -7.25
CA VAL A 85 -19.15 6.99 -6.83
C VAL A 85 -20.20 6.70 -7.92
N ALA A 86 -19.80 6.84 -9.18
CA ALA A 86 -20.72 6.67 -10.30
C ALA A 86 -21.53 5.38 -10.22
N PRO A 87 -22.75 5.40 -10.77
CA PRO A 87 -23.60 4.21 -10.85
C PRO A 87 -23.15 3.30 -11.97
N GLY A 88 -23.14 1.99 -11.73
CA GLY A 88 -22.72 1.05 -12.73
C GLY A 88 -23.88 0.55 -13.58
N GLY A 89 -25.03 0.40 -12.95
CA GLY A 89 -26.20 -0.13 -13.63
C GLY A 89 -25.90 -1.46 -14.27
N GLY A 90 -26.67 -1.82 -15.29
CA GLY A 90 -26.49 -3.08 -15.97
C GLY A 90 -27.18 -4.22 -15.26
N GLY A 91 -28.20 -4.78 -15.89
CA GLY A 91 -28.94 -5.90 -15.35
C GLY A 91 -29.75 -6.57 -16.45
N ASP A 92 -29.77 -7.90 -16.44
CA ASP A 92 -30.47 -8.65 -17.48
C ASP A 92 -31.81 -8.01 -17.82
N LEU A 93 -32.68 -7.92 -16.81
CA LEU A 93 -33.96 -7.24 -16.94
C LEU A 93 -34.95 -7.99 -17.83
N GLY A 94 -34.53 -8.32 -19.05
CA GLY A 94 -35.38 -9.04 -19.98
C GLY A 94 -35.94 -10.32 -19.39
N ALA A 95 -35.12 -11.02 -18.62
CA ALA A 95 -35.55 -12.26 -17.98
C ALA A 95 -36.59 -11.97 -16.90
N ALA A 96 -36.42 -10.87 -16.19
CA ALA A 96 -37.36 -10.46 -15.15
C ALA A 96 -38.67 -10.02 -15.77
N ARG A 97 -38.59 -9.27 -16.86
CA ARG A 97 -39.77 -8.80 -17.57
C ARG A 97 -40.59 -9.98 -18.09
N GLU A 98 -39.91 -10.90 -18.76
CA GLU A 98 -40.57 -12.07 -19.32
C GLU A 98 -41.23 -12.92 -18.24
N ALA A 99 -40.57 -13.03 -17.08
CA ALA A 99 -41.08 -13.81 -15.97
C ALA A 99 -42.26 -13.12 -15.28
N LEU A 100 -42.47 -11.84 -15.60
CA LEU A 100 -43.54 -11.07 -15.01
C LEU A 100 -44.55 -10.61 -16.06
N GLU A 107 -48.38 -6.77 -20.74
CA GLU A 107 -47.36 -6.57 -21.76
C GLU A 107 -46.74 -5.19 -21.66
N GLN A 108 -47.44 -4.18 -22.20
CA GLN A 108 -46.94 -2.81 -22.19
C GLN A 108 -46.79 -2.29 -20.76
N ASP A 109 -47.62 -2.81 -19.86
CA ASP A 109 -47.57 -2.39 -18.45
C ASP A 109 -46.36 -2.98 -17.77
N ALA A 110 -45.99 -4.20 -18.15
CA ALA A 110 -44.83 -4.86 -17.59
C ALA A 110 -43.54 -4.17 -18.04
N ASN A 111 -43.54 -3.67 -19.27
CA ASN A 111 -42.39 -2.96 -19.81
C ASN A 111 -42.12 -1.66 -19.06
N ARG A 112 -43.18 -0.98 -18.65
CA ARG A 112 -43.06 0.25 -17.90
C ARG A 112 -42.57 -0.03 -16.47
N ALA A 113 -42.85 -1.23 -16.00
CA ALA A 113 -42.41 -1.64 -14.66
C ALA A 113 -40.91 -1.92 -14.63
N ILE A 114 -40.42 -2.58 -15.68
CA ILE A 114 -39.00 -2.88 -15.79
C ILE A 114 -38.18 -1.61 -15.98
N ALA A 115 -38.73 -0.67 -16.73
CA ALA A 115 -38.07 0.62 -16.94
C ALA A 115 -38.08 1.44 -15.66
N ALA A 116 -39.07 1.17 -14.81
CA ALA A 116 -39.19 1.87 -13.54
C ALA A 116 -38.15 1.34 -12.55
N LEU A 117 -37.71 0.10 -12.75
CA LEU A 117 -36.72 -0.52 -11.89
C LEU A 117 -35.30 -0.20 -12.37
N LYS A 118 -35.13 -0.09 -13.68
CA LYS A 118 -33.82 0.22 -14.26
C LYS A 118 -33.41 1.65 -13.96
N ALA A 119 -34.40 2.53 -13.78
CA ALA A 119 -34.13 3.94 -13.53
C ALA A 119 -33.39 4.15 -12.22
N VAL A 120 -33.60 3.26 -11.25
CA VAL A 120 -32.92 3.33 -9.97
C VAL A 120 -31.42 3.09 -10.15
N PRO A 121 -30.59 3.96 -9.55
CA PRO A 121 -29.14 3.84 -9.67
C PRO A 121 -28.59 2.64 -8.88
N ALA A 122 -27.95 1.73 -9.58
CA ALA A 122 -27.35 0.56 -8.95
C ALA A 122 -25.86 0.79 -8.72
N SER A 123 -25.31 0.13 -7.70
CA SER A 123 -23.88 0.21 -7.44
C SER A 123 -23.12 -0.53 -8.53
N GLN A 124 -21.83 -0.23 -8.67
CA GLN A 124 -21.01 -0.90 -9.67
C GLN A 124 -20.68 -2.33 -9.27
N THR A 125 -20.75 -3.24 -10.23
CA THR A 125 -20.36 -4.62 -10.00
C THR A 125 -18.84 -4.70 -9.86
N VAL A 126 -18.34 -5.80 -9.33
CA VAL A 126 -16.92 -5.93 -9.04
C VAL A 126 -16.06 -5.77 -10.29
N GLN A 127 -16.50 -6.34 -11.41
CA GLN A 127 -15.74 -6.22 -12.65
C GLN A 127 -15.77 -4.79 -13.20
N GLU A 128 -16.83 -4.05 -12.89
CA GLU A 128 -16.93 -2.65 -13.32
C GLU A 128 -15.97 -1.76 -12.53
N ARG A 129 -15.82 -2.06 -11.24
CA ARG A 129 -14.91 -1.30 -10.39
C ARG A 129 -13.47 -1.67 -10.72
N THR A 130 -13.25 -2.92 -11.11
CA THR A 130 -11.91 -3.45 -11.31
C THR A 130 -11.30 -3.11 -12.67
N ALA A 131 -12.07 -3.26 -13.73
CA ALA A 131 -11.57 -3.06 -15.09
C ALA A 131 -10.70 -1.81 -15.29
N PRO A 132 -11.24 -0.62 -14.97
CA PRO A 132 -10.45 0.60 -15.17
C PRO A 132 -9.29 0.71 -14.17
N ALA A 133 -9.47 0.16 -12.97
CA ALA A 133 -8.40 0.16 -11.98
C ALA A 133 -7.25 -0.75 -12.39
N TRP A 134 -7.61 -1.92 -12.93
CA TRP A 134 -6.61 -2.86 -13.43
C TRP A 134 -5.76 -2.23 -14.53
N GLU A 135 -6.36 -1.33 -15.31
CA GLU A 135 -5.63 -0.63 -16.37
C GLU A 135 -4.69 0.41 -15.79
N ALA A 136 -5.15 1.12 -14.76
CA ALA A 136 -4.33 2.12 -14.10
C ALA A 136 -3.15 1.47 -13.41
N VAL A 137 -3.40 0.33 -12.77
CA VAL A 137 -2.35 -0.41 -12.05
C VAL A 137 -1.22 -0.83 -12.99
N GLN A 138 -1.58 -1.37 -14.15
CA GLN A 138 -0.58 -1.79 -15.12
C GLN A 138 0.23 -0.60 -15.61
N ALA A 139 -0.45 0.52 -15.85
CA ALA A 139 0.20 1.71 -16.39
C ALA A 139 1.14 2.35 -15.36
N TYR A 140 0.62 2.61 -14.17
CA TYR A 140 1.43 3.23 -13.11
C TYR A 140 2.59 2.31 -12.70
N GLY A 141 2.35 1.01 -12.71
CA GLY A 141 3.38 0.05 -12.34
C GLY A 141 4.49 0.03 -13.37
N GLU A 142 4.10 0.04 -14.64
CA GLU A 142 5.04 0.07 -15.76
C GLU A 142 5.92 1.31 -15.68
N ARG A 143 5.32 2.46 -15.40
CA ARG A 143 6.06 3.70 -15.21
C ARG A 143 7.06 3.59 -14.07
N ALA A 144 6.60 3.11 -12.92
CA ALA A 144 7.46 3.00 -11.75
C ALA A 144 8.57 1.98 -11.97
N ALA A 145 8.26 0.91 -12.69
CA ALA A 145 9.25 -0.09 -13.05
C ALA A 145 10.38 0.55 -13.86
N ARG A 146 10.02 1.26 -14.93
CA ARG A 146 11.01 1.93 -15.77
C ARG A 146 11.80 2.96 -15.00
N GLY A 147 11.11 3.68 -14.11
CA GLY A 147 11.76 4.65 -13.26
C GLY A 147 12.79 3.98 -12.37
N ALA A 148 12.40 2.88 -11.74
CA ALA A 148 13.30 2.12 -10.87
C ALA A 148 14.54 1.65 -11.62
N LEU A 149 14.37 1.25 -12.88
CA LEU A 149 15.49 0.76 -13.68
C LEU A 149 16.42 1.90 -14.10
N GLN A 150 15.86 3.08 -14.34
CA GLN A 150 16.66 4.24 -14.70
C GLN A 150 17.52 4.68 -13.51
N ILE A 151 16.89 4.73 -12.34
CA ILE A 151 17.59 5.09 -11.11
C ILE A 151 18.72 4.11 -10.82
N ALA A 152 18.51 2.83 -11.10
CA ALA A 152 19.55 1.84 -10.89
C ALA A 152 20.62 1.89 -11.98
N GLY A 153 20.31 2.59 -13.07
CA GLY A 153 21.22 2.65 -14.20
C GLY A 153 21.26 1.34 -14.96
N LEU A 154 20.13 0.65 -15.01
CA LEU A 154 20.07 -0.66 -15.64
C LEU A 154 19.18 -0.71 -16.89
N ASP A 155 19.22 -1.85 -17.58
CA ASP A 155 18.35 -2.09 -18.72
C ASP A 155 17.24 -3.05 -18.31
N VAL A 156 16.13 -3.04 -19.05
CA VAL A 156 15.03 -3.95 -18.74
C VAL A 156 15.46 -5.40 -18.87
N ALA A 157 16.46 -5.66 -19.71
CA ALA A 157 16.94 -7.01 -19.94
C ALA A 157 17.90 -7.51 -18.86
N ASP A 158 18.22 -6.63 -17.92
CA ASP A 158 19.13 -7.00 -16.84
C ASP A 158 18.38 -7.72 -15.72
N VAL A 159 17.07 -7.56 -15.69
CA VAL A 159 16.26 -8.10 -14.60
C VAL A 159 16.15 -9.63 -14.65
N ASP A 160 16.40 -10.26 -13.51
CA ASP A 160 16.41 -11.72 -13.42
C ASP A 160 15.20 -12.26 -12.67
N CYS A 161 14.72 -11.48 -11.69
CA CYS A 161 13.57 -11.86 -10.88
C CYS A 161 12.64 -10.66 -10.73
N LEU A 162 11.35 -10.88 -10.95
CA LEU A 162 10.38 -9.81 -10.75
C LEU A 162 9.44 -10.13 -9.60
N ILE A 163 9.33 -9.22 -8.65
CA ILE A 163 8.37 -9.37 -7.56
C ILE A 163 7.33 -8.27 -7.68
N THR A 164 6.05 -8.66 -7.73
CA THR A 164 4.97 -7.68 -7.77
C THR A 164 4.02 -7.86 -6.60
N SER A 165 3.34 -6.78 -6.24
CA SER A 165 2.36 -6.79 -5.16
C SER A 165 1.19 -5.88 -5.52
N ASN A 166 0.01 -6.47 -5.60
CA ASN A 166 -1.19 -5.77 -6.06
C ASN A 166 -2.43 -6.41 -5.44
N SER A 167 -3.18 -5.65 -4.64
CA SER A 167 -4.16 -6.24 -3.74
C SER A 167 -5.62 -6.03 -4.07
N THR A 168 -5.96 -4.86 -4.62
CA THR A 168 -7.36 -4.45 -4.73
C THR A 168 -7.97 -4.60 -6.13
N THR A 169 -7.22 -5.21 -7.05
CA THR A 169 -7.67 -5.36 -8.43
C THR A 169 -7.44 -6.78 -8.96
N PRO A 170 -8.40 -7.68 -8.71
CA PRO A 170 -8.36 -9.09 -9.11
C PRO A 170 -7.91 -9.28 -10.55
N ALA A 171 -6.79 -9.97 -10.75
CA ALA A 171 -6.30 -10.25 -12.10
C ALA A 171 -5.48 -11.54 -12.16
N LEU A 172 -5.81 -12.40 -13.12
CA LEU A 172 -5.01 -13.58 -13.39
C LEU A 172 -5.05 -13.84 -14.90
N PRO A 173 -3.91 -13.68 -15.58
CA PRO A 173 -2.59 -13.31 -15.05
C PRO A 173 -2.57 -11.92 -14.41
N GLY A 174 -1.60 -11.67 -13.54
CA GLY A 174 -1.50 -10.40 -12.83
C GLY A 174 -0.45 -9.43 -13.34
N LEU A 175 -0.02 -8.53 -12.46
CA LEU A 175 0.88 -7.45 -12.79
C LEU A 175 2.24 -7.92 -13.29
N ASP A 176 2.66 -9.10 -12.86
CA ASP A 176 3.98 -9.62 -13.22
C ASP A 176 4.09 -9.97 -14.71
N VAL A 177 3.10 -10.67 -15.23
CA VAL A 177 3.06 -11.03 -16.65
C VAL A 177 2.79 -9.80 -17.51
N ALA A 178 2.02 -8.87 -16.97
CA ALA A 178 1.75 -7.61 -17.65
C ALA A 178 3.06 -6.87 -17.87
N LEU A 179 3.86 -6.77 -16.81
CA LEU A 179 5.15 -6.08 -16.88
C LEU A 179 6.15 -6.77 -17.81
N ALA A 180 6.25 -8.09 -17.71
CA ALA A 180 7.15 -8.86 -18.57
C ALA A 180 6.82 -8.66 -20.04
N ASN A 181 5.57 -8.33 -20.31
CA ASN A 181 5.14 -8.04 -21.67
C ASN A 181 5.45 -6.61 -22.09
N ARG A 182 5.19 -5.67 -21.19
CA ARG A 182 5.24 -4.25 -21.52
C ARG A 182 6.64 -3.65 -21.44
N LEU A 183 7.48 -4.15 -20.54
CA LEU A 183 8.78 -3.53 -20.32
C LEU A 183 9.69 -3.57 -21.54
N PRO A 184 10.03 -4.77 -22.04
CA PRO A 184 9.67 -6.09 -21.56
C PRO A 184 10.83 -6.74 -20.80
N LEU A 185 10.56 -7.88 -20.17
CA LEU A 185 11.59 -8.66 -19.50
C LEU A 185 11.98 -9.87 -20.34
N ARG A 186 13.11 -10.48 -20.01
CA ARG A 186 13.55 -11.69 -20.71
C ARG A 186 12.54 -12.81 -20.50
N GLY A 187 12.37 -13.64 -21.53
CA GLY A 187 11.47 -14.78 -21.46
C GLY A 187 11.71 -15.68 -20.27
N ASP A 188 12.94 -15.69 -19.75
CA ASP A 188 13.29 -16.60 -18.66
C ASP A 188 13.30 -15.95 -17.29
N THR A 189 12.81 -14.72 -17.22
CA THR A 189 12.70 -14.00 -15.95
C THR A 189 11.88 -14.79 -14.93
N MET A 190 12.30 -14.74 -13.68
CA MET A 190 11.60 -15.44 -12.61
C MET A 190 10.46 -14.58 -12.07
N LEU A 191 9.22 -14.98 -12.36
CA LEU A 191 8.05 -14.18 -11.98
C LEU A 191 7.49 -14.56 -10.61
N LEU A 192 7.37 -13.57 -9.73
CA LEU A 192 6.89 -13.80 -8.37
C LEU A 192 5.84 -12.78 -7.96
N PRO A 193 4.58 -13.01 -8.37
CA PRO A 193 3.46 -12.11 -8.05
C PRO A 193 2.78 -12.43 -6.72
N ALA A 194 2.34 -11.39 -6.03
CA ALA A 194 1.58 -11.56 -4.79
C ALA A 194 0.41 -10.61 -4.76
N THR A 195 -0.63 -10.96 -4.00
CA THR A 195 -1.81 -10.10 -3.92
C THR A 195 -2.28 -9.94 -2.48
N GLN A 196 -1.80 -10.80 -1.59
CA GLN A 196 -2.22 -10.79 -0.20
C GLN A 196 -1.21 -10.18 0.76
N TRP A 197 -0.12 -9.64 0.22
CA TRP A 197 0.88 -8.98 1.07
C TRP A 197 0.35 -7.69 1.68
N ALA A 198 -0.49 -6.98 0.93
CA ALA A 198 -1.01 -5.68 1.36
C ALA A 198 0.08 -4.79 1.94
N CYS A 199 -0.19 -4.18 3.09
CA CYS A 199 0.67 -3.14 3.64
C CYS A 199 2.10 -3.58 3.94
N VAL A 200 2.35 -4.88 3.95
CA VAL A 200 3.67 -5.39 4.33
C VAL A 200 4.57 -5.65 3.12
N ALA A 201 4.03 -5.42 1.92
CA ALA A 201 4.80 -5.64 0.68
C ALA A 201 6.12 -4.87 0.67
N GLY A 202 6.12 -3.67 1.25
CA GLY A 202 7.29 -2.83 1.26
C GLY A 202 8.49 -3.40 1.99
N THR A 203 8.25 -4.37 2.87
CA THR A 203 9.35 -4.97 3.63
C THR A 203 9.47 -6.47 3.37
N ARG A 204 8.33 -7.11 3.10
CA ARG A 204 8.34 -8.55 2.83
C ARG A 204 9.03 -8.87 1.50
N SER A 205 8.91 -7.95 0.54
CA SER A 205 9.51 -8.13 -0.78
C SER A 205 10.99 -7.79 -0.74
N LEU A 206 11.36 -6.88 0.14
CA LEU A 206 12.77 -6.56 0.36
C LEU A 206 13.46 -7.72 1.08
N ALA A 207 12.76 -8.31 2.05
CA ALA A 207 13.28 -9.48 2.73
C ALA A 207 13.44 -10.63 1.73
N LEU A 208 12.42 -10.83 0.91
CA LEU A 208 12.42 -11.89 -0.10
C LEU A 208 13.51 -11.67 -1.14
N ALA A 209 13.62 -10.42 -1.61
CA ALA A 209 14.63 -10.06 -2.60
C ALA A 209 16.01 -10.38 -2.06
N ALA A 210 16.22 -10.06 -0.78
CA ALA A 210 17.48 -10.35 -0.12
C ALA A 210 17.84 -11.82 -0.24
N ASP A 211 16.88 -12.70 0.04
CA ASP A 211 17.11 -14.14 -0.05
C ASP A 211 17.46 -14.60 -1.47
N LEU A 212 16.79 -14.01 -2.46
CA LEU A 212 17.05 -14.36 -3.85
C LEU A 212 18.48 -13.98 -4.27
N VAL A 213 18.91 -12.78 -3.92
CA VAL A 213 20.25 -12.33 -4.29
C VAL A 213 21.31 -13.00 -3.42
N ALA A 214 20.86 -13.68 -2.37
CA ALA A 214 21.75 -14.49 -1.55
C ALA A 214 22.03 -15.83 -2.25
N ALA A 215 20.99 -16.41 -2.83
CA ALA A 215 21.14 -17.65 -3.58
C ALA A 215 22.00 -17.42 -4.82
N ASP A 216 22.00 -16.18 -5.29
CA ASP A 216 22.81 -15.79 -6.44
C ASP A 216 23.03 -14.28 -6.42
N PRO A 217 24.23 -13.86 -6.00
CA PRO A 217 24.62 -12.45 -5.84
C PRO A 217 24.64 -11.68 -7.16
N ASP A 218 24.79 -12.40 -8.27
CA ASP A 218 24.75 -11.78 -9.59
C ASP A 218 23.34 -11.41 -10.00
N ARG A 219 22.36 -11.84 -9.22
CA ARG A 219 20.96 -11.59 -9.54
C ARG A 219 20.58 -10.12 -9.45
N VAL A 220 19.71 -9.72 -10.37
CA VAL A 220 19.10 -8.40 -10.30
C VAL A 220 17.60 -8.58 -10.09
N VAL A 221 17.13 -8.19 -8.90
CA VAL A 221 15.72 -8.33 -8.56
C VAL A 221 15.02 -6.98 -8.70
N LEU A 222 13.87 -7.00 -9.35
CA LEU A 222 13.04 -5.80 -9.48
C LEU A 222 11.74 -5.99 -8.72
N VAL A 223 11.47 -5.08 -7.77
CA VAL A 223 10.24 -5.12 -6.99
C VAL A 223 9.28 -4.05 -7.48
N VAL A 224 8.05 -4.43 -7.78
CA VAL A 224 7.06 -3.44 -8.18
C VAL A 224 5.76 -3.57 -7.38
N ILE A 225 5.43 -2.51 -6.66
CA ILE A 225 4.21 -2.47 -5.86
C ILE A 225 3.26 -1.43 -6.44
N SER A 226 2.19 -1.90 -7.08
CA SER A 226 1.21 -1.02 -7.70
C SER A 226 -0.16 -1.22 -7.08
N GLU A 227 -0.68 -0.18 -6.43
CA GLU A 227 -1.94 -0.29 -5.71
C GLU A 227 -2.94 0.80 -6.08
N ALA A 228 -4.11 0.36 -6.54
CA ALA A 228 -5.25 1.26 -6.72
C ALA A 228 -6.17 1.10 -5.51
N LEU A 229 -5.67 1.51 -4.34
CA LEU A 229 -6.39 1.31 -3.09
C LEU A 229 -7.79 1.94 -3.08
N SER A 230 -8.01 2.92 -3.95
CA SER A 230 -9.30 3.59 -4.03
C SER A 230 -10.43 2.65 -4.44
N THR A 231 -10.06 1.45 -4.88
CA THR A 231 -11.03 0.42 -5.24
C THR A 231 -11.87 0.01 -4.03
N THR A 232 -11.42 0.42 -2.86
CA THR A 232 -12.10 0.10 -1.61
C THR A 232 -13.17 1.13 -1.22
N TYR A 233 -13.07 2.32 -1.80
CA TYR A 233 -14.06 3.37 -1.58
C TYR A 233 -15.44 2.90 -2.06
N GLN A 234 -16.31 2.58 -1.10
CA GLN A 234 -17.66 2.12 -1.41
C GLN A 234 -18.72 3.08 -0.86
N PRO A 235 -19.38 3.83 -1.76
CA PRO A 235 -20.36 4.86 -1.40
C PRO A 235 -21.52 4.34 -0.55
N ALA A 236 -21.91 3.08 -0.74
CA ALA A 236 -23.11 2.55 -0.09
C ALA A 236 -22.91 2.21 1.40
N ASP A 237 -21.78 1.59 1.73
CA ASP A 237 -21.51 1.18 3.10
C ASP A 237 -21.80 2.30 4.10
N ASP A 238 -22.28 1.92 5.28
CA ASP A 238 -22.60 2.88 6.33
C ASP A 238 -22.01 2.47 7.66
N THR A 239 -20.93 3.15 8.06
CA THR A 239 -20.21 2.81 9.27
C THR A 239 -19.35 3.99 9.71
N LEU A 240 -19.08 4.07 11.00
CA LEU A 240 -18.14 5.06 11.52
C LEU A 240 -16.76 4.79 10.92
N GLU A 241 -16.57 3.55 10.46
CA GLU A 241 -15.30 3.13 9.89
C GLU A 241 -15.27 3.30 8.38
N SER A 242 -16.45 3.24 7.75
CA SER A 242 -16.56 3.45 6.30
C SER A 242 -15.98 4.80 5.93
N LEU A 243 -16.38 5.83 6.67
CA LEU A 243 -15.88 7.18 6.46
C LEU A 243 -14.36 7.17 6.53
N ILE A 244 -13.83 6.40 7.46
CA ILE A 244 -12.39 6.32 7.69
C ILE A 244 -11.68 5.60 6.55
N VAL A 245 -12.33 4.60 5.97
CA VAL A 245 -11.76 3.87 4.85
C VAL A 245 -11.71 4.75 3.61
N ARG A 246 -12.76 5.55 3.43
CA ARG A 246 -12.85 6.47 2.30
C ARG A 246 -11.76 7.54 2.38
N LEU A 247 -11.48 7.98 3.60
CA LEU A 247 -10.59 9.12 3.80
C LEU A 247 -9.12 8.73 3.94
N LEU A 248 -8.86 7.45 4.17
CA LEU A 248 -7.52 7.01 4.56
C LEU A 248 -6.54 6.79 3.41
N PHE A 249 -6.95 6.03 2.39
CA PHE A 249 -6.01 5.53 1.40
C PHE A 249 -5.81 6.40 0.16
N ALA A 250 -4.61 6.32 -0.39
CA ALA A 250 -4.26 6.99 -1.64
C ALA A 250 -3.61 5.98 -2.59
N ASP A 251 -3.64 6.29 -3.88
CA ASP A 251 -3.10 5.38 -4.89
C ASP A 251 -1.64 5.66 -5.19
N THR A 252 -0.88 4.61 -5.49
CA THR A 252 0.53 4.74 -5.81
C THR A 252 1.07 3.52 -6.55
N ALA A 253 2.15 3.72 -7.29
CA ALA A 253 2.93 2.60 -7.79
C ALA A 253 4.40 2.92 -7.54
N VAL A 254 5.09 2.03 -6.84
CA VAL A 254 6.50 2.23 -6.54
C VAL A 254 7.32 1.02 -6.96
N ALA A 255 8.62 1.22 -7.09
CA ALA A 255 9.50 0.14 -7.51
C ALA A 255 10.94 0.41 -7.11
N ALA A 256 11.71 -0.65 -6.92
CA ALA A 256 13.10 -0.52 -6.53
C ALA A 256 13.92 -1.73 -6.98
N VAL A 257 15.22 -1.54 -7.15
CA VAL A 257 16.11 -2.62 -7.55
C VAL A 257 16.97 -3.10 -6.38
N VAL A 258 17.01 -4.41 -6.19
CA VAL A 258 17.89 -5.02 -5.19
C VAL A 258 18.93 -5.87 -5.91
N THR A 259 20.19 -5.76 -5.50
CA THR A 259 21.23 -6.57 -6.10
C THR A 259 22.09 -7.24 -5.02
N GLY A 260 22.81 -8.28 -5.41
CA GLY A 260 23.68 -8.99 -4.49
C GLY A 260 25.07 -8.40 -4.45
N ARG A 261 25.29 -7.37 -5.25
CA ARG A 261 26.57 -6.68 -5.29
C ARG A 261 26.36 -5.18 -5.39
N PRO A 262 27.12 -4.41 -4.60
CA PRO A 262 26.95 -2.96 -4.53
C PRO A 262 27.13 -2.27 -5.88
N ARG A 263 26.31 -1.25 -6.11
CA ARG A 263 26.38 -0.43 -7.31
C ARG A 263 26.49 1.03 -6.88
N PRO A 264 27.07 1.87 -7.74
CA PRO A 264 27.12 3.30 -7.45
C PRO A 264 25.73 3.85 -7.15
N GLU A 265 24.71 3.20 -7.69
CA GLU A 265 23.33 3.62 -7.50
C GLU A 265 22.74 3.08 -6.20
N SER A 266 23.48 2.17 -5.56
CA SER A 266 23.03 1.59 -4.29
C SER A 266 22.96 2.66 -3.20
N VAL A 267 21.77 2.77 -2.59
CA VAL A 267 21.50 3.81 -1.61
C VAL A 267 21.48 3.23 -0.19
N LEU A 268 21.10 1.97 -0.07
CA LEU A 268 20.89 1.35 1.24
C LEU A 268 21.28 -0.13 1.22
N ARG A 269 21.85 -0.59 2.33
CA ARG A 269 22.25 -2.00 2.44
C ARG A 269 21.49 -2.72 3.56
N LEU A 270 20.84 -3.83 3.22
CA LEU A 270 20.02 -4.58 4.16
C LEU A 270 20.81 -5.68 4.84
N ASP A 271 20.77 -5.70 6.18
CA ASP A 271 21.60 -6.61 6.97
C ASP A 271 20.82 -7.72 7.68
N ALA A 272 19.58 -7.42 8.07
CA ALA A 272 18.78 -8.40 8.79
C ALA A 272 17.28 -8.24 8.51
N ALA A 273 16.55 -9.34 8.66
CA ALA A 273 15.10 -9.33 8.46
C ALA A 273 14.39 -9.94 9.66
N TRP A 274 13.17 -9.47 9.92
CA TRP A 274 12.44 -9.87 11.10
C TRP A 274 10.95 -10.01 10.80
N HIS A 275 10.37 -11.13 11.22
CA HIS A 275 8.95 -11.40 10.96
C HIS A 275 8.22 -11.65 12.26
N HIS A 276 6.95 -11.27 12.30
CA HIS A 276 6.17 -11.42 13.50
C HIS A 276 4.69 -11.44 13.16
N THR A 277 4.02 -12.52 13.53
CA THR A 277 2.58 -12.64 13.29
C THR A 277 1.84 -12.90 14.59
N LEU A 278 0.78 -12.13 14.83
CA LEU A 278 -0.02 -12.26 16.04
C LEU A 278 -1.12 -13.29 15.88
N PRO A 279 -1.07 -14.36 16.67
CA PRO A 279 -2.11 -15.40 16.63
C PRO A 279 -3.46 -14.84 17.05
N GLY A 280 -4.53 -15.34 16.43
CA GLY A 280 -5.88 -14.91 16.72
C GLY A 280 -6.16 -13.43 16.50
N THR A 281 -5.69 -12.88 15.39
CA THR A 281 -5.96 -11.48 15.07
C THR A 281 -6.24 -11.29 13.58
N ARG A 282 -6.61 -12.38 12.93
CA ARG A 282 -6.83 -12.40 11.48
C ARG A 282 -7.99 -11.50 11.04
N ASP A 283 -8.98 -11.32 11.91
CA ASP A 283 -10.20 -10.61 11.53
C ASP A 283 -10.18 -9.11 11.85
N LEU A 284 -9.05 -8.60 12.32
CA LEU A 284 -8.95 -7.18 12.63
C LEU A 284 -8.93 -6.31 11.36
N HIS A 285 -8.09 -6.68 10.41
CA HIS A 285 -8.08 -6.02 9.11
C HIS A 285 -8.34 -7.04 8.01
N ARG A 286 -9.51 -6.93 7.36
CA ARG A 286 -9.87 -7.87 6.31
C ARG A 286 -10.21 -7.18 5.00
N LEU A 287 -9.96 -7.87 3.90
CA LEU A 287 -10.38 -7.38 2.58
C LEU A 287 -11.38 -8.37 1.98
N GLU A 288 -12.65 -8.01 2.06
CA GLU A 288 -13.71 -8.87 1.54
C GLU A 288 -14.05 -8.50 0.09
N THR A 289 -14.24 -9.53 -0.73
CA THR A 289 -14.53 -9.31 -2.14
C THR A 289 -16.00 -9.61 -2.41
N ARG A 290 -16.82 -8.57 -2.34
CA ARG A 290 -18.25 -8.70 -2.62
C ARG A 290 -18.56 -8.48 -4.10
N ALA A 291 -19.82 -8.69 -4.47
CA ALA A 291 -20.23 -8.55 -5.87
C ALA A 291 -20.14 -7.10 -6.33
N ASP A 292 -20.00 -6.17 -5.40
CA ASP A 292 -19.92 -4.75 -5.74
C ASP A 292 -18.51 -4.19 -5.52
N GLY A 293 -17.50 -5.05 -5.62
CA GLY A 293 -16.12 -4.59 -5.50
C GLY A 293 -15.42 -5.12 -4.26
N THR A 294 -14.37 -4.43 -3.83
CA THR A 294 -13.60 -4.86 -2.68
C THR A 294 -13.81 -3.97 -1.45
N HIS A 295 -13.98 -4.60 -0.30
CA HIS A 295 -14.20 -3.87 0.95
C HIS A 295 -13.08 -4.13 1.96
N PHE A 296 -12.64 -3.07 2.63
CA PHE A 296 -11.61 -3.17 3.65
C PHE A 296 -12.17 -2.85 5.05
N VAL A 297 -12.47 -3.89 5.81
CA VAL A 297 -13.10 -3.72 7.12
C VAL A 297 -12.06 -3.63 8.24
N MET A 298 -12.15 -2.58 9.06
CA MET A 298 -11.18 -2.37 10.13
C MET A 298 -11.79 -2.41 11.53
N ASP A 299 -11.28 -3.33 12.36
CA ASP A 299 -11.68 -3.46 13.75
C ASP A 299 -11.03 -2.38 14.61
N ARG A 300 -11.78 -1.80 15.53
CA ARG A 300 -11.28 -0.71 16.36
C ARG A 300 -10.02 -1.05 17.17
N ARG A 301 -9.80 -2.34 17.42
CA ARG A 301 -8.67 -2.78 18.20
C ARG A 301 -7.44 -3.07 17.33
N GLY A 302 -7.55 -2.73 16.04
CA GLY A 302 -6.46 -2.97 15.11
C GLY A 302 -5.16 -2.29 15.52
N PRO A 303 -5.20 -0.97 15.72
CA PRO A 303 -4.01 -0.22 16.13
C PRO A 303 -3.43 -0.80 17.40
N ARG A 304 -4.29 -1.09 18.37
CA ARG A 304 -3.88 -1.70 19.63
C ARG A 304 -3.13 -3.00 19.37
N ALA A 305 -3.53 -3.73 18.33
CA ALA A 305 -2.86 -4.98 18.00
C ALA A 305 -1.47 -4.74 17.41
N VAL A 306 -1.36 -3.74 16.54
CA VAL A 306 -0.07 -3.45 15.90
C VAL A 306 0.91 -2.85 16.90
N GLN A 307 0.39 -2.27 17.98
CA GLN A 307 1.25 -1.78 19.04
C GLN A 307 2.09 -2.95 19.57
N GLU A 308 1.48 -4.13 19.58
CA GLU A 308 2.16 -5.35 19.98
C GLU A 308 3.38 -5.62 19.13
N THR A 309 3.25 -5.44 17.82
CA THR A 309 4.33 -5.74 16.89
C THR A 309 5.43 -4.70 16.98
N VAL A 310 5.07 -3.48 17.40
CA VAL A 310 6.07 -2.44 17.60
C VAL A 310 6.93 -2.78 18.82
N THR A 311 6.28 -3.22 19.89
CA THR A 311 7.00 -3.68 21.07
C THR A 311 7.90 -4.85 20.70
N ALA A 312 7.32 -5.82 20.01
CA ALA A 312 8.06 -7.00 19.58
C ALA A 312 9.32 -6.60 18.83
N MET A 313 9.22 -5.56 18.03
CA MET A 313 10.35 -5.07 17.24
C MET A 313 11.42 -4.39 18.10
N TRP A 314 11.02 -3.47 18.96
CA TRP A 314 11.97 -2.84 19.87
C TRP A 314 12.77 -3.92 20.60
N GLU A 315 12.05 -4.96 21.03
CA GLU A 315 12.68 -6.07 21.71
C GLU A 315 13.65 -6.81 20.80
N TRP A 316 13.27 -6.97 19.53
CA TRP A 316 14.15 -7.61 18.56
C TRP A 316 15.46 -6.83 18.44
N LEU A 317 15.35 -5.52 18.22
CA LEU A 317 16.52 -4.66 18.07
C LEU A 317 17.38 -4.63 19.33
N ARG A 318 16.73 -4.60 20.49
CA ARG A 318 17.43 -4.56 21.75
C ARG A 318 18.26 -5.83 21.96
N VAL A 319 17.61 -6.98 21.77
CA VAL A 319 18.27 -8.27 21.90
C VAL A 319 19.41 -8.40 20.90
N ARG A 320 19.31 -7.69 19.78
CA ARG A 320 20.30 -7.78 18.72
C ARG A 320 21.49 -6.86 18.99
N TYR A 321 21.27 -5.80 19.76
CA TYR A 321 22.34 -4.90 20.16
C TYR A 321 22.64 -5.02 21.65
N GLU A 322 22.36 -6.20 22.21
CA GLU A 322 22.54 -6.44 23.63
C GLU A 322 24.01 -6.57 24.00
N ASP A 323 24.71 -7.43 23.28
CA ASP A 323 26.14 -7.63 23.50
C ASP A 323 26.94 -6.41 23.06
N ASP A 324 26.53 -5.83 21.92
CA ASP A 324 27.21 -4.67 21.37
C ASP A 324 27.09 -3.45 22.28
N PRO A 325 28.06 -2.53 22.18
CA PRO A 325 28.08 -1.30 22.98
C PRO A 325 26.83 -0.47 22.76
N SER A 326 26.58 0.49 23.65
CA SER A 326 25.41 1.35 23.54
C SER A 326 25.54 2.30 22.35
N SER A 327 26.69 2.24 21.70
CA SER A 327 26.96 3.09 20.54
C SER A 327 25.93 2.87 19.43
N TRP A 328 25.55 1.61 19.22
CA TRP A 328 24.58 1.28 18.18
C TRP A 328 23.26 2.02 18.37
N HIS A 329 22.83 2.72 17.33
CA HIS A 329 21.70 3.63 17.45
C HIS A 329 21.08 3.95 16.08
N PRO A 330 19.77 3.70 15.94
CA PRO A 330 18.99 3.93 14.72
C PRO A 330 18.91 5.40 14.34
N ASP A 331 19.51 5.77 13.21
CA ASP A 331 19.52 7.16 12.77
C ASP A 331 18.37 7.48 11.81
N VAL A 332 17.83 6.44 11.18
CA VAL A 332 16.72 6.59 10.25
C VAL A 332 15.64 5.54 10.50
N LEU A 333 14.40 5.99 10.63
CA LEU A 333 13.30 5.07 10.93
C LEU A 333 12.18 5.18 9.91
N LEU A 334 12.15 4.26 8.96
CA LEU A 334 11.13 4.25 7.93
C LEU A 334 10.01 3.27 8.32
N ALA A 335 9.01 3.78 9.02
CA ALA A 335 8.00 2.94 9.65
C ALA A 335 6.61 3.14 9.07
N HIS A 336 5.82 2.06 9.06
CA HIS A 336 4.49 2.09 8.45
C HIS A 336 3.48 1.27 9.28
N PRO A 337 3.10 1.78 10.45
CA PRO A 337 2.17 1.10 11.36
C PRO A 337 0.73 1.16 10.89
N GLY A 338 0.43 2.10 10.00
CA GLY A 338 -0.90 2.18 9.40
C GLY A 338 -1.64 3.48 9.67
N GLY A 339 -1.10 4.29 10.58
CA GLY A 339 -1.74 5.54 10.93
C GLY A 339 -0.90 6.42 11.83
N THR A 340 -1.34 7.67 11.98
CA THR A 340 -0.63 8.63 12.80
C THR A 340 -0.74 8.26 14.29
N ARG A 341 -1.87 7.65 14.64
CA ARG A 341 -2.11 7.26 16.03
C ARG A 341 -1.01 6.33 16.56
N VAL A 342 -0.76 5.26 15.83
CA VAL A 342 0.26 4.30 16.24
C VAL A 342 1.65 4.90 16.05
N LEU A 343 1.73 5.91 15.19
CA LEU A 343 2.98 6.62 14.95
C LEU A 343 3.34 7.42 16.21
N GLU A 344 2.34 8.08 16.78
CA GLU A 344 2.53 8.80 18.05
C GLU A 344 3.02 7.83 19.10
N TYR A 345 2.36 6.68 19.20
CA TYR A 345 2.72 5.64 20.15
C TYR A 345 4.18 5.20 19.98
N MET A 346 4.63 5.14 18.74
CA MET A 346 6.01 4.73 18.46
C MET A 346 7.00 5.75 19.02
N GLU A 347 6.66 7.02 18.87
CA GLU A 347 7.52 8.11 19.34
C GLU A 347 7.71 8.07 20.85
N GLN A 348 6.73 7.52 21.55
CA GLN A 348 6.73 7.51 23.02
C GLN A 348 7.29 6.21 23.59
N THR A 349 7.39 5.19 22.75
CA THR A 349 7.87 3.88 23.19
C THR A 349 9.37 3.73 22.95
N MET A 350 9.94 4.67 22.20
CA MET A 350 11.36 4.64 21.85
C MET A 350 12.27 4.71 23.07
N PRO A 351 13.21 3.76 23.19
CA PRO A 351 14.12 3.61 24.33
C PRO A 351 14.93 4.86 24.62
N ASP A 352 15.28 5.05 25.89
CA ASP A 352 16.14 6.14 26.32
C ASP A 352 15.87 7.43 25.57
N GLU A 353 16.93 8.05 25.08
CA GLU A 353 16.82 9.28 24.31
C GLU A 353 17.21 9.03 22.86
N TRP A 354 16.21 9.06 21.97
CA TRP A 354 16.45 8.92 20.54
C TRP A 354 16.00 10.19 19.84
N PRO A 355 16.57 10.47 18.66
CA PRO A 355 16.22 11.67 17.90
C PRO A 355 14.71 11.84 17.78
N SER A 356 14.25 13.08 17.73
CA SER A 356 12.82 13.37 17.73
C SER A 356 12.18 13.21 16.36
N GLY A 357 12.93 13.53 15.31
CA GLY A 357 12.38 13.55 13.97
C GLY A 357 12.64 12.29 13.15
N LEU A 358 12.53 11.13 13.79
CA LEU A 358 12.68 9.86 13.10
C LEU A 358 11.44 9.55 12.26
N LEU A 359 10.27 9.76 12.85
CA LEU A 359 9.02 9.48 12.17
C LEU A 359 8.58 10.68 11.33
N SER A 360 9.51 11.59 11.08
CA SER A 360 9.25 12.76 10.27
C SER A 360 8.82 12.36 8.85
N TYR A 361 9.60 11.46 8.25
CA TYR A 361 9.31 11.01 6.89
C TYR A 361 8.03 10.20 6.84
N SER A 362 7.81 9.38 7.86
CA SER A 362 6.60 8.57 7.95
C SER A 362 5.37 9.48 8.07
N ARG A 363 5.45 10.44 8.98
CA ARG A 363 4.36 11.36 9.21
C ARG A 363 4.07 12.20 7.96
N ASP A 364 5.12 12.67 7.32
CA ASP A 364 4.99 13.42 6.07
C ASP A 364 4.23 12.60 5.01
N SER A 365 4.49 11.29 5.01
CA SER A 365 3.84 10.40 4.05
C SER A 365 2.33 10.29 4.30
N TYR A 366 1.95 10.20 5.57
CA TYR A 366 0.55 9.99 5.94
C TYR A 366 -0.34 11.19 5.66
N THR A 367 0.24 12.38 5.65
CA THR A 367 -0.53 13.59 5.40
C THR A 367 -1.08 13.59 3.98
N SER A 368 -0.47 12.78 3.12
CA SER A 368 -0.91 12.65 1.73
C SER A 368 -1.82 11.44 1.57
N GLY A 369 -1.89 10.60 2.61
CA GLY A 369 -2.74 9.43 2.59
C GLY A 369 -2.01 8.15 2.97
N ASN A 370 -2.77 7.09 3.22
CA ASN A 370 -2.18 5.79 3.51
C ASN A 370 -2.00 5.00 2.23
N ARG A 371 -0.75 4.79 1.83
CA ARG A 371 -0.46 4.15 0.55
C ARG A 371 -0.29 2.63 0.66
N GLY A 372 -0.65 2.08 1.81
CA GLY A 372 -0.56 0.65 2.02
C GLY A 372 0.76 0.04 1.64
N GLY A 373 0.72 -0.98 0.77
CA GLY A 373 1.92 -1.67 0.34
C GLY A 373 2.98 -0.79 -0.29
N ALA A 374 2.56 0.38 -0.78
CA ALA A 374 3.50 1.31 -1.41
C ALA A 374 4.02 2.35 -0.44
N ALA A 375 3.56 2.29 0.80
CA ALA A 375 3.93 3.28 1.81
C ALA A 375 5.42 3.28 2.14
N VAL A 376 5.97 2.11 2.44
CA VAL A 376 7.37 2.01 2.86
C VAL A 376 8.33 2.63 1.86
N PHE A 377 8.20 2.27 0.58
CA PHE A 377 9.03 2.84 -0.48
C PHE A 377 8.87 4.36 -0.52
N ASP A 378 7.63 4.81 -0.59
CA ASP A 378 7.31 6.23 -0.55
C ASP A 378 8.04 6.94 0.60
N ILE A 379 8.04 6.30 1.76
CA ILE A 379 8.73 6.85 2.93
C ILE A 379 10.24 6.80 2.73
N LEU A 380 10.73 5.72 2.14
CA LEU A 380 12.15 5.59 1.85
C LEU A 380 12.59 6.67 0.86
N ARG A 381 11.70 7.01 -0.06
CA ARG A 381 11.96 8.07 -1.02
C ARG A 381 12.02 9.44 -0.34
N ARG A 382 11.01 9.77 0.44
CA ARG A 382 10.99 11.04 1.17
C ARG A 382 12.23 11.19 2.05
N ALA A 383 12.69 10.08 2.61
CA ALA A 383 13.90 10.07 3.42
C ALA A 383 15.11 10.36 2.55
N HIS A 384 15.15 9.71 1.39
CA HIS A 384 16.24 9.86 0.45
C HIS A 384 16.30 11.27 -0.15
N ASP A 385 15.15 11.76 -0.59
CA ASP A 385 15.03 13.10 -1.18
C ASP A 385 15.40 14.18 -0.19
N ALA A 386 15.36 13.85 1.09
CA ALA A 386 15.66 14.82 2.14
C ALA A 386 17.16 14.86 2.43
N GLY A 387 17.87 13.81 2.02
CA GLY A 387 19.31 13.74 2.21
C GLY A 387 19.71 12.97 3.45
N GLN A 388 20.48 11.91 3.25
CA GLN A 388 20.96 11.09 4.36
C GLN A 388 22.47 11.00 4.38
N LYS A 389 23.02 10.70 5.56
CA LYS A 389 24.47 10.59 5.72
C LYS A 389 24.91 9.15 5.58
N THR A 390 25.97 8.92 4.82
CA THR A 390 26.52 7.59 4.66
C THR A 390 26.91 7.01 6.01
N GLY A 391 26.33 5.85 6.34
CA GLY A 391 26.60 5.21 7.62
C GLY A 391 25.41 5.25 8.55
N SER A 392 24.45 6.11 8.25
CA SER A 392 23.25 6.21 9.06
C SER A 392 22.62 4.83 9.25
N ARG A 393 22.32 4.48 10.50
CA ARG A 393 21.66 3.22 10.80
C ARG A 393 20.19 3.32 10.42
N ALA A 394 19.70 2.36 9.65
CA ALA A 394 18.33 2.42 9.15
C ALA A 394 17.47 1.25 9.60
N VAL A 395 16.18 1.52 9.81
CA VAL A 395 15.22 0.49 10.15
C VAL A 395 13.95 0.67 9.33
N LEU A 396 13.57 -0.37 8.59
CA LEU A 396 12.34 -0.34 7.82
C LEU A 396 11.31 -1.21 8.51
N TYR A 397 10.09 -0.72 8.62
CA TYR A 397 9.04 -1.44 9.33
C TYR A 397 7.68 -1.32 8.66
N ALA A 398 6.88 -2.37 8.75
CA ALA A 398 5.55 -2.36 8.18
C ALA A 398 4.65 -3.44 8.79
N ALA A 399 3.42 -3.07 9.08
CA ALA A 399 2.42 -4.02 9.57
C ALA A 399 1.33 -4.17 8.52
N ALA A 400 0.71 -5.35 8.47
CA ALA A 400 -0.29 -5.62 7.45
C ALA A 400 -1.39 -6.55 7.97
N PRO A 401 -2.55 -6.58 7.29
CA PRO A 401 -3.68 -7.44 7.63
C PRO A 401 -3.27 -8.86 8.05
N GLY A 402 -4.16 -9.51 8.80
CA GLY A 402 -3.83 -10.76 9.46
C GLY A 402 -3.05 -10.43 10.70
N LEU A 403 -2.60 -9.18 10.74
CA LEU A 403 -1.66 -8.70 11.74
C LEU A 403 -0.37 -9.52 11.73
N THR A 404 0.43 -9.26 10.71
CA THR A 404 1.77 -9.78 10.59
C THR A 404 2.65 -8.58 10.27
N ALA A 405 3.90 -8.61 10.69
CA ALA A 405 4.80 -7.50 10.42
C ALA A 405 6.17 -7.99 9.99
N THR A 406 6.87 -7.14 9.24
CA THR A 406 8.21 -7.45 8.79
C THR A 406 9.10 -6.22 8.92
N ALA A 407 10.21 -6.39 9.61
CA ALA A 407 11.16 -5.29 9.77
C ALA A 407 12.50 -5.64 9.16
N LEU A 408 13.21 -4.61 8.72
CA LEU A 408 14.54 -4.77 8.16
C LEU A 408 15.47 -3.74 8.83
N GLU A 409 16.65 -4.20 9.22
CA GLU A 409 17.69 -3.30 9.72
C GLU A 409 18.77 -3.15 8.66
N GLY A 410 19.21 -1.92 8.42
CA GLY A 410 20.21 -1.67 7.41
C GLY A 410 21.15 -0.51 7.67
N GLU A 411 22.00 -0.24 6.69
CA GLU A 411 22.99 0.83 6.77
C GLU A 411 22.98 1.66 5.49
N TRP A 412 22.78 2.96 5.64
CA TRP A 412 22.75 3.86 4.50
C TRP A 412 24.13 3.97 3.85
N LEU A 413 24.14 4.09 2.53
CA LEU A 413 25.39 4.12 1.78
C LEU A 413 25.64 5.48 1.13
#